data_4R7L
#
_entry.id   4R7L
#
_cell.length_a   77.916
_cell.length_b   87.134
_cell.length_c   99.285
_cell.angle_alpha   90.00
_cell.angle_beta   90.00
_cell.angle_gamma   90.00
#
_symmetry.space_group_name_H-M   'P 21 21 21'
#
loop_
_entity.id
_entity.type
_entity.pdbx_description
1 polymer 'Leukotriene A-4 hydrolase'
2 non-polymer 'ZINC ION'
3 non-polymer 'YTTERBIUM (III) ION'
4 non-polymer GLYCEROL
5 non-polymer 'ACETATE ION'
6 non-polymer IMIDAZOLE
7 non-polymer 'OCTANEDIOIC ACID HYDROXYAMIDE PHENYLAMIDE'
8 water water
#
_entity_poly.entity_id   1
_entity_poly.type   'polypeptide(L)'
_entity_poly.pdbx_seq_one_letter_code
;MGSSHHHHHHSSGLVPRGSHMPEIVDTCSLASPASVCRTKHLHLRCSVDFTRRTLTGTAALTVQSQEDNLRSLVLDTKDL
TIEKVVINGQEVKYALGERQSYKGSPMEISLPIALSKNQEIVIEISFETSPKSSALQWLTPEQTSGKEHPYLFSQCQAIH
CRAILPCQDTPSVKLTYTAEVSVPKELVALMSAIRDGETPDPEDPSRKIYKFIQKVPIPCYLIALVVGALESRQIGPRTL
VWSEKEQVEKSAYEFSETESMLKIAEDLGGPYVWGQYDLLVLPPSFPYGGMENPCLTFVTPTLLAGDKSLSNVIAHEISH
SWTGNLVTNKTWDHFWLNEGHTVYLERHICGRLFGEKFRHFNALGGWGELQNSVKTFGETHPFTKLVVDLTDIDPDVAYS
SVPYEKGFALLFYLEQLLGGPEIFLGFLKAYVEKFSYKSITTDDWKDFLYSYFKDKVDVLNQVDWNAWLYSPGLPPIKPN
YDMTLTNACIALSQRWITAKEDDLNSFNATDLKDLSSHQLNEFLAQTLQRAPLPLGHIKRMQEVYNFNAINNSEIRFRWL
RLCIQSKWEDAIPLALKMATEQGRMKFTRPLFKDLAAFDKSHDQAVRTYQEHKASMHPVTAMLVGKDLKVD
;
_entity_poly.pdbx_strand_id   A
#
loop_
_chem_comp.id
_chem_comp.type
_chem_comp.name
_chem_comp.formula
ACT non-polymer 'ACETATE ION' 'C2 H3 O2 -1'
GOL non-polymer GLYCEROL 'C3 H8 O3'
IMD non-polymer IMIDAZOLE 'C3 H5 N2 1'
SHH non-polymer 'OCTANEDIOIC ACID HYDROXYAMIDE PHENYLAMIDE' 'C14 H20 N2 O3'
YB non-polymer 'YTTERBIUM (III) ION' 'Yb 3'
ZN non-polymer 'ZINC ION' 'Zn 2'
#
# COMPACT_ATOMS: atom_id res chain seq x y z
N ILE A 24 -22.08 5.25 -12.01
CA ILE A 24 -20.94 5.02 -11.05
C ILE A 24 -20.40 6.39 -10.63
N VAL A 25 -20.35 6.67 -9.34
CA VAL A 25 -19.86 7.96 -8.84
C VAL A 25 -18.62 7.67 -7.98
N ASP A 26 -17.59 8.49 -8.16
CA ASP A 26 -16.43 8.43 -7.30
C ASP A 26 -16.72 9.40 -6.11
N THR A 27 -17.13 8.76 -5.01
CA THR A 27 -17.52 9.51 -3.82
C THR A 27 -16.37 10.01 -2.98
N CYS A 28 -15.14 9.79 -3.44
CA CYS A 28 -13.95 10.30 -2.75
C CYS A 28 -13.37 11.52 -3.51
N SER A 29 -13.88 11.88 -4.68
CA SER A 29 -13.34 12.95 -5.47
C SER A 29 -14.37 14.07 -5.66
N LEU A 30 -13.89 15.29 -5.63
CA LEU A 30 -14.67 16.49 -5.85
C LEU A 30 -14.49 17.00 -7.30
N ALA A 31 -13.60 16.38 -8.04
CA ALA A 31 -13.29 16.83 -9.44
C ALA A 31 -14.43 16.49 -10.43
N SER A 32 -14.42 17.16 -11.58
CA SER A 32 -15.22 16.71 -12.71
C SER A 32 -14.94 15.26 -13.02
N PRO A 33 -15.98 14.52 -13.24
CA PRO A 33 -15.77 13.13 -13.56
C PRO A 33 -15.33 12.92 -14.99
N ALA A 34 -14.93 11.68 -15.25
CA ALA A 34 -14.38 11.30 -16.54
C ALA A 34 -15.40 11.42 -17.65
N SER A 35 -16.67 11.39 -17.26
CA SER A 35 -17.72 11.60 -18.26
C SER A 35 -17.80 13.07 -18.78
N VAL A 36 -17.22 14.03 -18.04
CA VAL A 36 -17.21 15.45 -18.40
C VAL A 36 -15.88 15.79 -19.15
N CYS A 37 -14.74 15.38 -18.55
CA CYS A 37 -13.44 15.70 -19.12
C CYS A 37 -12.42 14.70 -18.57
N ARG A 38 -11.34 14.50 -19.30
CA ARG A 38 -10.30 13.55 -18.92
C ARG A 38 -8.91 14.16 -19.11
N THR A 39 -8.12 14.06 -18.05
CA THR A 39 -6.74 14.44 -18.13
C THR A 39 -6.00 13.35 -18.88
N LYS A 40 -5.28 13.75 -19.93
CA LYS A 40 -4.45 12.87 -20.79
C LYS A 40 -2.96 12.87 -20.43
N HIS A 41 -2.47 13.97 -19.86
CA HIS A 41 -1.06 14.13 -19.60
C HIS A 41 -0.88 15.17 -18.56
N LEU A 42 0.12 14.91 -17.74
CA LEU A 42 0.61 15.89 -16.81
C LEU A 42 2.07 16.19 -17.08
N HIS A 43 2.45 17.46 -17.23
CA HIS A 43 3.85 17.83 -17.18
C HIS A 43 4.11 18.62 -15.92
N LEU A 44 4.94 18.09 -15.03
CA LEU A 44 5.16 18.70 -13.71
C LEU A 44 6.53 19.28 -13.70
N ARG A 45 6.64 20.59 -13.43
CA ARG A 45 7.93 21.25 -13.24
C ARG A 45 7.93 21.82 -11.86
N CYS A 46 8.80 21.30 -10.98
CA CYS A 46 8.75 21.73 -9.61
C CYS A 46 10.11 21.72 -8.96
N SER A 47 10.15 22.41 -7.82
CA SER A 47 11.33 22.51 -7.02
C SER A 47 10.98 22.13 -5.57
N VAL A 48 11.85 21.35 -4.95
CA VAL A 48 11.67 20.84 -3.60
C VAL A 48 12.45 21.69 -2.65
N ASP A 49 11.77 22.45 -1.80
CA ASP A 49 12.42 23.47 -0.96
C ASP A 49 12.41 22.94 0.45
N PHE A 50 13.54 22.35 0.86
CA PHE A 50 13.63 21.75 2.17
C PHE A 50 13.59 22.77 3.32
N THR A 51 14.02 24.02 3.03
CA THR A 51 13.93 25.07 4.07
C THR A 51 12.46 25.40 4.44
N ARG A 52 11.55 25.42 3.49
CA ARG A 52 10.17 25.72 3.68
C ARG A 52 9.26 24.46 3.78
N ARG A 53 9.83 23.30 3.48
CA ARG A 53 9.01 22.07 3.42
C ARG A 53 7.84 22.26 2.43
N THR A 54 8.20 22.84 1.31
CA THR A 54 7.21 23.03 0.19
C THR A 54 7.76 22.50 -1.16
N LEU A 55 6.87 21.94 -1.99
CA LEU A 55 7.08 21.70 -3.36
C LEU A 55 6.38 22.86 -4.09
N THR A 56 7.07 23.54 -4.99
CA THR A 56 6.53 24.71 -5.68
C THR A 56 6.73 24.50 -7.17
N GLY A 57 5.75 24.82 -7.97
CA GLY A 57 5.98 24.76 -9.40
C GLY A 57 4.67 24.89 -10.18
N THR A 58 4.71 24.22 -11.31
CA THR A 58 3.59 24.25 -12.25
C THR A 58 3.21 22.78 -12.65
N ALA A 59 1.91 22.59 -12.69
CA ALA A 59 1.26 21.35 -13.15
C ALA A 59 0.56 21.75 -14.43
N ALA A 60 1.09 21.28 -15.52
CA ALA A 60 0.48 21.48 -16.88
C ALA A 60 -0.36 20.24 -17.23
N LEU A 61 -1.71 20.36 -17.16
CA LEU A 61 -2.64 19.28 -17.43
C LEU A 61 -3.14 19.42 -18.83
N THR A 62 -2.93 18.39 -19.63
CA THR A 62 -3.60 18.30 -20.95
C THR A 62 -4.92 17.66 -20.70
N VAL A 63 -6.01 18.37 -20.97
CA VAL A 63 -7.33 17.89 -20.65
C VAL A 63 -8.17 17.81 -21.93
N GLN A 64 -8.87 16.70 -22.02
CA GLN A 64 -9.75 16.41 -23.18
C GLN A 64 -11.19 16.52 -22.79
N SER A 65 -11.94 17.43 -23.45
CA SER A 65 -13.33 17.54 -23.15
C SER A 65 -14.07 16.26 -23.57
N GLN A 66 -15.04 15.81 -22.78
CA GLN A 66 -15.92 14.72 -23.21
C GLN A 66 -17.28 15.23 -23.49
N GLU A 67 -17.46 16.56 -23.47
CA GLU A 67 -18.80 17.18 -23.64
C GLU A 67 -18.73 18.27 -24.68
N ASP A 68 -19.87 18.53 -25.31
CA ASP A 68 -19.97 19.74 -26.13
C ASP A 68 -20.08 20.93 -25.25
N ASN A 69 -19.63 22.09 -25.74
CA ASN A 69 -19.75 23.33 -25.07
C ASN A 69 -19.26 23.38 -23.63
N LEU A 70 -18.11 22.75 -23.41
CA LEU A 70 -17.52 22.74 -22.05
C LEU A 70 -16.91 24.05 -21.71
N ARG A 71 -17.36 24.66 -20.60
CA ARG A 71 -16.87 25.95 -20.20
C ARG A 71 -16.24 26.06 -18.84
N SER A 72 -16.30 25.01 -18.05
CA SER A 72 -15.57 25.02 -16.79
C SER A 72 -15.27 23.58 -16.42
N LEU A 73 -14.35 23.44 -15.46
CA LEU A 73 -14.17 22.11 -14.89
C LEU A 73 -13.65 22.30 -13.45
N VAL A 74 -13.61 21.20 -12.72
CA VAL A 74 -13.25 21.26 -11.31
C VAL A 74 -12.16 20.21 -11.12
N LEU A 75 -11.19 20.57 -10.31
CA LEU A 75 -10.10 19.66 -9.88
C LEU A 75 -10.11 19.53 -8.40
N ASP A 76 -9.52 18.42 -7.94
CA ASP A 76 -9.25 18.20 -6.51
C ASP A 76 -8.00 18.92 -6.10
N THR A 77 -8.03 19.46 -4.88
CA THR A 77 -6.82 19.97 -4.25
C THR A 77 -6.97 19.76 -2.77
N LYS A 78 -5.82 19.76 -2.06
CA LYS A 78 -5.86 19.64 -0.59
C LYS A 78 -4.64 20.38 -0.01
N ASP A 79 -4.92 21.47 0.75
CA ASP A 79 -3.85 22.27 1.32
C ASP A 79 -2.88 22.81 0.31
N LEU A 80 -3.34 23.14 -0.93
CA LEU A 80 -2.49 23.73 -1.94
C LEU A 80 -2.75 25.21 -1.97
N THR A 81 -1.68 25.95 -2.15
CA THR A 81 -1.81 27.38 -2.45
C THR A 81 -1.72 27.55 -3.93
N ILE A 82 -2.74 28.17 -4.52
CA ILE A 82 -2.73 28.41 -5.97
C ILE A 82 -2.29 29.81 -6.28
N GLU A 83 -1.30 29.99 -7.09
CA GLU A 83 -0.85 31.32 -7.48
C GLU A 83 -1.61 31.83 -8.73
N LYS A 84 -1.75 31.01 -9.77
CA LYS A 84 -2.49 31.44 -10.96
C LYS A 84 -2.76 30.23 -11.82
N VAL A 85 -3.65 30.40 -12.79
CA VAL A 85 -3.97 29.38 -13.75
C VAL A 85 -3.88 30.02 -15.16
N VAL A 86 -3.10 29.41 -16.03
CA VAL A 86 -2.79 29.92 -17.35
C VAL A 86 -3.24 28.99 -18.44
N ILE A 87 -4.04 29.50 -19.38
CA ILE A 87 -4.47 28.78 -20.53
C ILE A 87 -4.27 29.72 -21.75
N ASN A 88 -3.67 29.20 -22.82
CA ASN A 88 -3.39 30.02 -24.03
C ASN A 88 -2.56 31.26 -23.68
N GLY A 89 -1.68 31.16 -22.70
CA GLY A 89 -0.74 32.23 -22.48
C GLY A 89 -1.32 33.33 -21.60
N GLN A 90 -2.57 33.21 -21.15
CA GLN A 90 -3.23 34.25 -20.29
C GLN A 90 -3.79 33.62 -18.99
N GLU A 91 -3.80 34.42 -17.93
CA GLU A 91 -4.46 34.04 -16.69
C GLU A 91 -5.95 33.97 -16.84
N VAL A 92 -6.51 32.96 -16.21
CA VAL A 92 -7.93 32.69 -16.18
C VAL A 92 -8.52 32.70 -14.76
N LYS A 93 -9.83 32.89 -14.66
CA LYS A 93 -10.53 32.88 -13.40
C LYS A 93 -10.61 31.46 -12.85
N TYR A 94 -10.46 31.34 -11.55
CA TYR A 94 -10.68 30.08 -10.89
C TYR A 94 -11.16 30.42 -9.48
N ALA A 95 -11.75 29.45 -8.83
CA ALA A 95 -12.20 29.61 -7.45
C ALA A 95 -12.02 28.35 -6.64
N LEU A 96 -11.61 28.49 -5.38
CA LEU A 96 -11.48 27.36 -4.47
C LEU A 96 -12.66 27.32 -3.56
N GLY A 97 -13.32 26.19 -3.51
CA GLY A 97 -14.46 26.01 -2.67
C GLY A 97 -14.03 25.74 -1.24
N GLU A 98 -15.02 25.71 -0.34
CA GLU A 98 -14.80 25.41 1.06
C GLU A 98 -14.21 24.01 1.23
N ARG A 99 -13.33 23.83 2.19
CA ARG A 99 -12.72 22.49 2.46
C ARG A 99 -13.77 21.48 2.93
N GLN A 100 -13.75 20.29 2.34
CA GLN A 100 -14.57 19.18 2.75
C GLN A 100 -13.71 18.16 3.39
N SER A 101 -13.26 18.46 4.63
CA SER A 101 -12.47 17.55 5.38
C SER A 101 -11.36 16.87 4.54
N TYR A 102 -11.25 15.56 4.69
CA TYR A 102 -10.15 14.79 4.07
C TYR A 102 -10.22 14.91 2.57
N LYS A 103 -11.37 15.28 2.01
CA LYS A 103 -11.43 15.37 0.54
C LYS A 103 -10.68 16.58 -0.01
N GLY A 104 -10.41 17.60 0.82
CA GLY A 104 -9.81 18.78 0.34
C GLY A 104 -10.81 19.81 -0.16
N SER A 105 -10.33 20.66 -1.07
CA SER A 105 -11.11 21.80 -1.52
C SER A 105 -11.21 21.73 -3.06
N PRO A 106 -12.44 21.80 -3.58
CA PRO A 106 -12.58 21.80 -5.01
C PRO A 106 -12.10 23.09 -5.67
N MET A 107 -11.47 22.94 -6.81
CA MET A 107 -11.00 24.10 -7.55
C MET A 107 -11.73 24.16 -8.88
N GLU A 108 -12.54 25.19 -9.06
CA GLU A 108 -13.28 25.37 -10.30
C GLU A 108 -12.50 26.30 -11.22
N ILE A 109 -12.29 25.89 -12.49
CA ILE A 109 -11.52 26.72 -13.41
C ILE A 109 -12.45 27.15 -14.54
N SER A 110 -12.49 28.47 -14.85
CA SER A 110 -13.37 28.99 -15.95
C SER A 110 -12.57 28.99 -17.22
N LEU A 111 -12.97 28.18 -18.20
CA LEU A 111 -12.21 28.12 -19.38
C LEU A 111 -12.48 29.38 -20.26
N PRO A 112 -11.47 29.79 -20.98
CA PRO A 112 -11.62 31.03 -21.73
C PRO A 112 -12.40 30.89 -23.01
N ILE A 113 -12.44 29.68 -23.57
CA ILE A 113 -13.14 29.38 -24.80
C ILE A 113 -13.80 28.06 -24.59
N ALA A 114 -15.10 27.99 -24.89
CA ALA A 114 -15.83 26.76 -24.81
C ALA A 114 -15.26 25.70 -25.71
N LEU A 115 -15.24 24.48 -25.20
CA LEU A 115 -14.61 23.32 -25.92
C LEU A 115 -15.64 22.40 -26.52
N SER A 116 -15.39 21.87 -27.72
CA SER A 116 -16.18 20.85 -28.26
C SER A 116 -15.74 19.49 -27.73
N LYS A 117 -16.58 18.50 -27.96
CA LYS A 117 -16.23 17.16 -27.49
C LYS A 117 -14.98 16.68 -28.19
N ASN A 118 -14.05 16.12 -27.39
CA ASN A 118 -12.71 15.61 -27.82
C ASN A 118 -11.66 16.64 -28.08
N GLN A 119 -12.00 17.92 -27.88
CA GLN A 119 -10.99 18.97 -27.98
C GLN A 119 -10.10 18.90 -26.72
N GLU A 120 -8.81 19.13 -26.94
CA GLU A 120 -7.82 19.11 -25.86
C GLU A 120 -7.25 20.48 -25.66
N ILE A 121 -7.06 20.86 -24.41
CA ILE A 121 -6.30 22.08 -24.13
C ILE A 121 -5.26 21.79 -23.01
N VAL A 122 -4.36 22.71 -22.82
CA VAL A 122 -3.39 22.62 -21.73
C VAL A 122 -3.67 23.67 -20.69
N ILE A 123 -3.75 23.26 -19.43
CA ILE A 123 -4.05 24.13 -18.33
C ILE A 123 -2.85 24.11 -17.40
N GLU A 124 -2.22 25.25 -17.25
CA GLU A 124 -0.97 25.34 -16.51
C GLU A 124 -1.24 26.00 -15.16
N ILE A 125 -1.14 25.23 -14.07
CA ILE A 125 -1.47 25.75 -12.77
C ILE A 125 -0.21 25.95 -11.96
N SER A 126 -0.01 27.16 -11.44
CA SER A 126 1.14 27.42 -10.55
C SER A 126 0.63 27.26 -9.09
N PHE A 127 1.35 26.45 -8.30
CA PHE A 127 0.90 26.02 -6.99
C PHE A 127 2.13 25.81 -6.08
N GLU A 128 1.83 25.75 -4.80
CA GLU A 128 2.83 25.33 -3.81
C GLU A 128 2.08 24.43 -2.78
N THR A 129 2.74 23.36 -2.30
CA THR A 129 2.20 22.54 -1.26
C THR A 129 2.37 23.13 0.12
N SER A 130 1.62 22.61 1.04
CA SER A 130 1.68 22.94 2.48
C SER A 130 2.72 22.03 3.10
N PRO A 131 3.50 22.48 4.09
CA PRO A 131 4.26 21.53 4.90
C PRO A 131 3.47 20.38 5.51
N LYS A 132 2.17 20.55 5.70
CA LYS A 132 1.34 19.49 6.29
C LYS A 132 0.70 18.58 5.30
N SER A 133 1.12 18.71 4.04
CA SER A 133 0.59 17.84 2.96
C SER A 133 0.49 16.43 3.42
N SER A 134 -0.70 15.90 3.30
CA SER A 134 -0.92 14.49 3.76
C SER A 134 -0.25 13.48 2.85
N ALA A 135 0.16 13.89 1.64
CA ALA A 135 0.89 12.99 0.71
C ALA A 135 2.37 12.82 1.08
N LEU A 136 2.92 13.73 1.89
CA LEU A 136 4.33 13.89 2.05
C LEU A 136 4.84 13.72 3.44
N GLN A 137 6.05 13.13 3.57
CA GLN A 137 6.78 13.22 4.82
C GLN A 137 8.12 13.82 4.57
N TRP A 138 8.40 14.92 5.33
CA TRP A 138 9.66 15.62 5.25
C TRP A 138 10.48 15.20 6.47
N LEU A 139 11.62 14.63 6.19
CA LEU A 139 12.53 14.15 7.28
C LEU A 139 13.76 15.05 7.45
N THR A 140 14.08 15.36 8.70
CA THR A 140 15.32 16.08 8.99
C THR A 140 16.54 15.15 8.86
N PRO A 141 17.72 15.73 8.69
CA PRO A 141 18.93 14.86 8.67
C PRO A 141 18.96 13.81 9.78
N GLU A 142 18.57 14.18 11.00
CA GLU A 142 18.60 13.24 12.16
C GLU A 142 17.70 12.04 12.02
N GLN A 143 16.66 12.21 11.19
CA GLN A 143 15.71 11.20 10.96
C GLN A 143 16.13 10.17 9.85
N THR A 144 17.25 10.40 9.21
CA THR A 144 17.78 9.55 8.16
C THR A 144 18.93 8.65 8.63
N SER A 145 19.36 7.69 7.81
CA SER A 145 20.49 6.91 8.13
C SER A 145 21.81 7.65 8.20
N GLY A 146 22.02 8.53 7.23
CA GLY A 146 23.32 9.20 7.07
C GLY A 146 23.53 10.43 7.96
N LYS A 147 22.44 10.99 8.48
CA LYS A 147 22.45 12.12 9.42
C LYS A 147 23.01 13.44 8.84
N GLU A 148 23.34 13.50 7.55
CA GLU A 148 23.89 14.75 6.94
C GLU A 148 22.86 15.48 6.12
N HIS A 149 21.92 14.75 5.51
CA HIS A 149 21.03 15.33 4.56
C HIS A 149 19.59 14.97 4.90
N PRO A 150 18.63 15.84 4.51
CA PRO A 150 17.20 15.64 4.70
C PRO A 150 16.65 14.72 3.61
N TYR A 151 15.38 14.42 3.75
CA TYR A 151 14.77 13.38 2.88
C TYR A 151 13.33 13.68 2.76
N LEU A 152 12.77 13.41 1.59
CA LEU A 152 11.36 13.61 1.31
C LEU A 152 10.82 12.36 0.63
N PHE A 153 9.65 11.90 1.04
CA PHE A 153 8.95 10.92 0.18
C PHE A 153 7.45 11.10 0.18
N SER A 154 6.86 10.69 -0.94
CA SER A 154 5.42 10.74 -1.15
C SER A 154 4.72 9.38 -0.93
N GLN A 155 3.41 9.45 -0.74
CA GLN A 155 2.50 8.28 -0.72
C GLN A 155 1.13 8.79 -1.13
N CYS A 156 0.79 8.60 -2.40
CA CYS A 156 -0.45 9.18 -2.90
C CYS A 156 -1.67 8.28 -2.75
N GLN A 157 -1.50 6.93 -2.79
CA GLN A 157 -2.68 6.09 -2.67
C GLN A 157 -3.31 6.26 -1.29
N ALA A 158 -4.61 6.41 -1.17
CA ALA A 158 -5.63 6.47 -2.24
C ALA A 158 -5.81 7.84 -2.83
N ILE A 159 -6.05 8.80 -1.95
CA ILE A 159 -6.55 10.14 -2.39
C ILE A 159 -5.67 11.31 -1.86
N HIS A 160 -4.36 11.07 -1.87
CA HIS A 160 -3.36 12.09 -1.50
C HIS A 160 -2.68 12.79 -2.61
N CYS A 161 -2.82 12.37 -3.89
CA CYS A 161 -2.18 13.11 -4.98
C CYS A 161 -2.66 14.61 -5.02
N ARG A 162 -3.89 14.83 -4.65
CA ARG A 162 -4.50 16.18 -4.54
C ARG A 162 -3.77 17.05 -3.53
N ALA A 163 -3.00 16.44 -2.61
CA ALA A 163 -2.22 17.21 -1.64
C ALA A 163 -0.85 17.48 -2.17
N ILE A 164 -0.52 17.02 -3.42
CA ILE A 164 0.74 17.42 -4.07
C ILE A 164 0.51 18.37 -5.25
N LEU A 165 -0.51 18.11 -6.02
CA LEU A 165 -0.82 18.94 -7.16
C LEU A 165 -2.28 18.86 -7.55
N PRO A 166 -2.81 19.90 -8.20
CA PRO A 166 -4.20 19.86 -8.61
C PRO A 166 -4.45 18.82 -9.69
N CYS A 167 -5.51 18.06 -9.54
CA CYS A 167 -5.73 16.92 -10.44
C CYS A 167 -7.13 16.41 -10.30
N GLN A 168 -7.56 15.59 -11.29
CA GLN A 168 -8.76 14.78 -11.17
C GLN A 168 -8.33 13.54 -10.35
N ASP A 169 -8.53 13.60 -9.01
CA ASP A 169 -7.87 12.60 -8.09
C ASP A 169 -8.78 11.45 -7.88
N THR A 170 -8.90 10.68 -9.00
CA THR A 170 -9.81 9.57 -9.14
C THR A 170 -9.13 8.52 -10.04
N PRO A 171 -9.23 7.24 -9.67
CA PRO A 171 -8.56 6.20 -10.42
C PRO A 171 -9.30 5.84 -11.73
N SER A 172 -10.43 6.50 -11.94
CA SER A 172 -11.17 6.41 -13.20
C SER A 172 -10.57 7.11 -14.41
N VAL A 173 -9.52 7.86 -14.19
CA VAL A 173 -8.82 8.72 -15.20
C VAL A 173 -7.39 8.20 -15.21
N LYS A 174 -6.88 7.91 -16.41
CA LYS A 174 -5.47 7.53 -16.59
C LYS A 174 -4.76 8.50 -17.48
N LEU A 175 -3.53 8.86 -17.12
CA LEU A 175 -2.74 9.83 -17.86
C LEU A 175 -1.31 9.43 -17.93
N THR A 176 -0.59 9.93 -18.94
CA THR A 176 0.90 9.83 -18.95
C THR A 176 1.44 11.02 -18.25
N TYR A 177 2.73 10.99 -17.88
CA TYR A 177 3.34 12.17 -17.32
C TYR A 177 4.81 12.31 -17.66
N THR A 178 5.24 13.58 -17.59
CA THR A 178 6.64 13.94 -17.60
C THR A 178 6.86 14.90 -16.46
N ALA A 179 8.10 14.93 -15.95
CA ALA A 179 8.38 15.76 -14.81
C ALA A 179 9.86 16.18 -14.85
N GLU A 180 10.07 17.41 -14.34
CA GLU A 180 11.38 17.96 -14.08
C GLU A 180 11.36 18.46 -12.66
N VAL A 181 12.27 17.94 -11.83
CA VAL A 181 12.31 18.19 -10.41
C VAL A 181 13.67 18.75 -10.03
N SER A 182 13.63 20.00 -9.54
CA SER A 182 14.83 20.69 -9.00
C SER A 182 15.01 20.40 -7.50
N VAL A 183 16.21 19.90 -7.17
CA VAL A 183 16.58 19.51 -5.82
C VAL A 183 17.99 20.04 -5.51
N PRO A 184 18.27 20.19 -4.19
CA PRO A 184 19.72 20.41 -3.87
C PRO A 184 20.66 19.46 -4.57
N LYS A 185 21.77 19.93 -5.12
CA LYS A 185 22.58 19.15 -6.02
C LYS A 185 23.24 17.89 -5.38
N GLU A 186 23.34 17.88 -4.05
CA GLU A 186 23.91 16.73 -3.34
C GLU A 186 22.92 15.59 -3.27
N LEU A 187 21.68 15.83 -3.66
CA LEU A 187 20.59 14.80 -3.49
C LEU A 187 20.16 14.27 -4.81
N VAL A 188 19.41 13.17 -4.72
CA VAL A 188 18.87 12.45 -5.87
C VAL A 188 17.35 12.46 -5.76
N ALA A 189 16.67 12.73 -6.88
CA ALA A 189 15.24 12.55 -7.04
C ALA A 189 14.94 11.35 -7.89
N LEU A 190 13.91 10.56 -7.46
CA LEU A 190 13.40 9.44 -8.31
C LEU A 190 11.88 9.57 -8.28
N MET A 191 11.25 9.09 -9.34
CA MET A 191 9.78 9.10 -9.53
C MET A 191 9.32 7.74 -10.06
N SER A 192 8.00 7.56 -10.10
CA SER A 192 7.35 6.36 -10.65
C SER A 192 7.34 6.45 -12.19
N ALA A 193 8.53 6.45 -12.74
CA ALA A 193 8.77 6.81 -14.15
C ALA A 193 10.19 6.42 -14.51
N ILE A 194 10.46 6.45 -15.80
CA ILE A 194 11.79 6.23 -16.32
C ILE A 194 12.63 7.50 -16.19
N ARG A 195 13.87 7.29 -15.69
N ARG A 195 13.87 7.36 -15.65
CA ARG A 195 14.75 8.46 -15.58
CA ARG A 195 14.85 8.46 -15.53
C ARG A 195 15.04 8.94 -17.03
C ARG A 195 15.20 8.92 -16.93
N ASP A 196 15.15 10.25 -17.16
CA ASP A 196 15.24 10.84 -18.44
C ASP A 196 16.27 11.96 -18.43
N GLY A 197 17.22 11.86 -17.54
CA GLY A 197 18.36 12.80 -17.49
C GLY A 197 18.46 13.68 -16.27
N GLU A 198 19.59 14.36 -16.14
CA GLU A 198 19.80 15.29 -15.07
C GLU A 198 20.71 16.38 -15.59
N THR A 199 20.51 17.60 -15.11
CA THR A 199 21.37 18.73 -15.49
C THR A 199 21.39 19.72 -14.34
N PRO A 200 22.41 20.60 -14.31
CA PRO A 200 22.35 21.62 -13.29
C PRO A 200 21.19 22.55 -13.52
N ASP A 201 20.61 23.12 -12.47
CA ASP A 201 19.49 23.99 -12.55
C ASP A 201 20.05 25.38 -13.03
N PRO A 202 19.62 25.85 -14.19
CA PRO A 202 20.13 27.23 -14.58
C PRO A 202 19.68 28.37 -13.71
N GLU A 203 18.56 28.23 -12.99
CA GLU A 203 18.06 29.27 -12.10
C GLU A 203 18.76 29.29 -10.75
N ASP A 204 19.49 28.21 -10.43
CA ASP A 204 20.16 28.05 -9.13
C ASP A 204 21.17 26.97 -9.20
N PRO A 205 22.47 27.29 -9.45
CA PRO A 205 23.56 26.35 -9.52
C PRO A 205 23.80 25.49 -8.29
N SER A 206 23.11 25.77 -7.14
CA SER A 206 23.16 24.94 -5.95
C SER A 206 22.26 23.68 -6.15
N ARG A 207 21.55 23.67 -7.31
CA ARG A 207 20.48 22.64 -7.52
C ARG A 207 20.75 21.85 -8.79
N LYS A 208 20.13 20.64 -8.91
CA LYS A 208 20.13 19.83 -10.12
C LYS A 208 18.67 19.56 -10.46
N ILE A 209 18.37 19.48 -11.77
CA ILE A 209 17.04 19.12 -12.18
C ILE A 209 17.19 17.65 -12.64
N TYR A 210 16.28 16.80 -12.14
CA TYR A 210 16.17 15.45 -12.60
C TYR A 210 14.89 15.38 -13.43
N LYS A 211 14.97 14.63 -14.51
CA LYS A 211 13.85 14.53 -15.44
C LYS A 211 13.32 13.07 -15.48
N PHE A 212 12.04 12.95 -15.81
CA PHE A 212 11.32 11.69 -15.79
C PHE A 212 10.26 11.61 -16.86
N ILE A 213 10.03 10.42 -17.32
CA ILE A 213 8.95 10.16 -18.27
C ILE A 213 8.21 8.84 -17.97
N GLN A 214 6.89 8.95 -17.88
CA GLN A 214 6.01 7.83 -17.74
C GLN A 214 5.09 7.72 -18.94
N LYS A 215 5.44 6.81 -19.85
CA LYS A 215 4.77 6.73 -21.19
C LYS A 215 3.54 5.79 -21.18
N VAL A 216 3.34 5.08 -20.07
CA VAL A 216 2.18 4.18 -19.91
C VAL A 216 1.11 5.00 -19.12
N PRO A 217 -0.16 5.04 -19.56
CA PRO A 217 -1.17 5.78 -18.82
C PRO A 217 -1.48 5.18 -17.48
N ILE A 218 -1.46 6.00 -16.47
CA ILE A 218 -1.64 5.57 -15.09
C ILE A 218 -2.69 6.42 -14.38
N PRO A 219 -3.37 5.82 -13.36
CA PRO A 219 -4.12 6.66 -12.41
C PRO A 219 -3.17 7.51 -11.61
N CYS A 220 -3.64 8.70 -11.23
CA CYS A 220 -2.74 9.67 -10.52
C CYS A 220 -2.31 9.18 -9.10
N TYR A 221 -2.97 8.18 -8.50
CA TYR A 221 -2.51 7.65 -7.19
C TYR A 221 -1.11 7.00 -7.28
N LEU A 222 -0.70 6.65 -8.51
CA LEU A 222 0.59 6.01 -8.82
C LEU A 222 1.77 7.01 -9.09
N ILE A 223 1.46 8.32 -8.99
CA ILE A 223 2.50 9.34 -9.06
C ILE A 223 3.27 9.25 -7.71
N ALA A 224 4.58 9.27 -7.77
CA ALA A 224 5.41 9.14 -6.54
C ALA A 224 6.73 9.90 -6.79
N LEU A 225 7.25 10.38 -5.67
CA LEU A 225 8.52 11.13 -5.65
C LEU A 225 9.28 10.83 -4.37
N VAL A 226 10.60 10.70 -4.51
CA VAL A 226 11.50 10.58 -3.40
C VAL A 226 12.67 11.52 -3.69
N VAL A 227 13.11 12.26 -2.65
CA VAL A 227 14.33 13.06 -2.78
C VAL A 227 15.20 12.76 -1.52
N GLY A 228 16.44 12.37 -1.73
CA GLY A 228 17.39 12.19 -0.62
C GLY A 228 18.73 11.71 -1.09
N ALA A 229 19.55 11.32 -0.14
CA ALA A 229 20.90 10.86 -0.45
C ALA A 229 20.92 9.41 -0.78
N LEU A 230 20.55 9.11 -2.02
CA LEU A 230 20.28 7.77 -2.44
C LEU A 230 21.42 7.24 -3.29
N GLU A 231 21.67 5.97 -3.11
CA GLU A 231 22.61 5.20 -3.92
C GLU A 231 21.90 3.99 -4.50
N SER A 232 22.48 3.41 -5.53
CA SER A 232 21.84 2.25 -6.20
C SER A 232 22.78 1.09 -6.35
N ARG A 233 22.26 -0.11 -6.43
CA ARG A 233 23.00 -1.34 -6.75
C ARG A 233 22.12 -2.19 -7.66
N GLN A 234 22.73 -2.70 -8.74
CA GLN A 234 21.99 -3.55 -9.71
C GLN A 234 21.79 -4.94 -9.08
N ILE A 235 20.60 -5.51 -9.13
CA ILE A 235 20.34 -6.86 -8.61
C ILE A 235 19.69 -7.79 -9.60
N GLY A 236 19.41 -7.28 -10.80
CA GLY A 236 18.87 -8.09 -11.86
C GLY A 236 18.93 -7.30 -13.13
N PRO A 237 18.50 -7.93 -14.23
CA PRO A 237 18.65 -7.29 -15.50
C PRO A 237 17.79 -6.06 -15.71
N ARG A 238 16.70 -5.96 -14.95
CA ARG A 238 15.82 -4.79 -15.02
C ARG A 238 15.52 -4.21 -13.62
N THR A 239 16.45 -4.36 -12.70
CA THR A 239 16.20 -3.97 -11.30
C THR A 239 17.43 -3.41 -10.62
N LEU A 240 17.31 -2.18 -10.18
CA LEU A 240 18.25 -1.57 -9.24
C LEU A 240 17.51 -1.48 -7.93
N VAL A 241 18.25 -1.71 -6.85
CA VAL A 241 17.80 -1.33 -5.51
C VAL A 241 18.38 0.04 -5.15
N TRP A 242 17.53 0.92 -4.61
CA TRP A 242 17.92 2.27 -4.15
C TRP A 242 17.69 2.40 -2.62
N SER A 243 18.62 2.99 -1.91
CA SER A 243 18.42 3.30 -0.50
C SER A 243 19.54 4.24 -0.11
N GLU A 244 19.54 4.65 1.11
CA GLU A 244 20.75 5.28 1.59
C GLU A 244 21.88 4.30 1.61
N LYS A 245 23.09 4.80 1.57
CA LYS A 245 24.26 3.92 1.51
C LYS A 245 24.32 2.82 2.56
N GLU A 246 23.88 3.14 3.79
CA GLU A 246 23.90 2.22 4.91
C GLU A 246 23.06 0.98 4.72
N GLN A 247 22.02 1.06 3.85
CA GLN A 247 21.15 -0.07 3.64
C GLN A 247 21.34 -0.80 2.31
N VAL A 248 22.20 -0.29 1.44
CA VAL A 248 22.28 -0.85 0.08
C VAL A 248 22.63 -2.37 0.08
N GLU A 249 23.69 -2.74 0.78
CA GLU A 249 24.20 -4.11 0.71
C GLU A 249 23.14 -5.06 1.27
N LYS A 250 22.57 -4.72 2.42
CA LYS A 250 21.56 -5.60 3.03
C LYS A 250 20.33 -5.71 2.08
N SER A 251 19.94 -4.60 1.46
CA SER A 251 18.75 -4.58 0.61
C SER A 251 19.00 -5.46 -0.63
N ALA A 252 20.19 -5.34 -1.23
CA ALA A 252 20.50 -6.14 -2.41
C ALA A 252 20.38 -7.63 -2.16
N TYR A 253 20.78 -8.11 -0.98
CA TYR A 253 20.67 -9.49 -0.64
C TYR A 253 19.19 -9.83 -0.41
N GLU A 254 18.52 -8.95 0.38
CA GLU A 254 17.18 -9.33 0.86
C GLU A 254 16.21 -9.50 -0.29
N PHE A 255 16.41 -8.69 -1.35
CA PHE A 255 15.46 -8.67 -2.48
C PHE A 255 16.01 -9.37 -3.72
N SER A 256 17.00 -10.23 -3.56
CA SER A 256 17.66 -10.91 -4.69
C SER A 256 16.74 -11.81 -5.49
N GLU A 257 15.61 -12.26 -4.94
CA GLU A 257 14.61 -13.06 -5.69
C GLU A 257 13.77 -12.27 -6.69
N THR A 258 13.94 -10.94 -6.73
CA THR A 258 13.02 -10.10 -7.51
C THR A 258 12.95 -10.44 -9.01
N GLU A 259 14.10 -10.66 -9.66
CA GLU A 259 13.99 -11.08 -11.08
C GLU A 259 13.27 -12.41 -11.27
N SER A 260 13.55 -13.41 -10.43
CA SER A 260 12.85 -14.69 -10.52
C SER A 260 11.35 -14.49 -10.33
N MET A 261 10.96 -13.60 -9.41
CA MET A 261 9.53 -13.33 -9.22
C MET A 261 8.92 -12.62 -10.44
N LEU A 262 9.63 -11.65 -11.00
CA LEU A 262 9.15 -10.93 -12.20
C LEU A 262 8.92 -11.89 -13.36
N LYS A 263 9.83 -12.84 -13.50
CA LYS A 263 9.69 -13.83 -14.59
C LYS A 263 8.46 -14.72 -14.39
N ILE A 264 8.21 -15.14 -13.18
CA ILE A 264 7.03 -15.93 -12.89
C ILE A 264 5.79 -15.08 -13.11
N ALA A 265 5.81 -13.83 -12.60
CA ALA A 265 4.70 -12.96 -12.79
C ALA A 265 4.35 -12.73 -14.30
N GLU A 266 5.37 -12.59 -15.15
CA GLU A 266 5.11 -12.43 -16.60
C GLU A 266 4.49 -13.67 -17.15
N ASP A 267 4.90 -14.84 -16.68
CA ASP A 267 4.23 -16.07 -17.14
C ASP A 267 2.75 -16.05 -16.80
N LEU A 268 2.41 -15.59 -15.58
CA LEU A 268 1.04 -15.56 -15.08
C LEU A 268 0.18 -14.45 -15.70
N GLY A 269 0.74 -13.27 -15.94
CA GLY A 269 0.00 -12.08 -16.30
C GLY A 269 0.13 -11.56 -17.70
N GLY A 270 1.13 -12.04 -18.41
CA GLY A 270 1.59 -11.50 -19.67
C GLY A 270 2.75 -10.54 -19.51
N PRO A 271 3.17 -9.92 -20.62
CA PRO A 271 4.39 -9.12 -20.66
C PRO A 271 4.33 -8.02 -19.57
N TYR A 272 5.50 -7.82 -18.99
CA TYR A 272 5.69 -6.64 -18.10
C TYR A 272 5.91 -5.47 -19.00
N VAL A 273 5.08 -4.45 -18.91
CA VAL A 273 5.05 -3.32 -19.90
C VAL A 273 5.81 -2.07 -19.45
N TRP A 274 6.37 -2.06 -18.22
CA TRP A 274 6.76 -0.81 -17.60
C TRP A 274 8.27 -0.54 -17.77
N GLY A 275 9.04 -1.43 -18.39
CA GLY A 275 10.46 -1.13 -18.64
C GLY A 275 11.25 -1.65 -17.46
N GLN A 276 11.44 -0.84 -16.49
CA GLN A 276 12.28 -1.28 -15.36
C GLN A 276 11.38 -1.68 -14.22
N TYR A 277 11.93 -2.46 -13.31
CA TYR A 277 11.33 -2.73 -12.00
C TYR A 277 12.39 -2.48 -10.92
N ASP A 278 12.45 -1.22 -10.48
CA ASP A 278 13.37 -0.85 -9.40
C ASP A 278 12.66 -0.90 -8.07
N LEU A 279 13.46 -1.01 -7.03
CA LEU A 279 13.02 -0.99 -5.65
C LEU A 279 13.65 0.13 -4.88
N LEU A 280 12.88 0.81 -4.10
CA LEU A 280 13.38 1.89 -3.20
C LEU A 280 13.04 1.46 -1.78
N VAL A 281 14.07 1.34 -0.93
CA VAL A 281 13.95 1.02 0.49
C VAL A 281 13.90 2.34 1.30
N LEU A 282 12.72 2.71 1.80
CA LEU A 282 12.47 3.99 2.50
C LEU A 282 13.02 3.95 3.88
N PRO A 283 13.04 5.12 4.51
CA PRO A 283 13.34 5.15 5.93
C PRO A 283 12.21 4.51 6.68
N PRO A 284 12.39 4.33 7.99
CA PRO A 284 11.49 3.41 8.71
C PRO A 284 10.08 3.87 8.91
N SER A 285 9.80 5.18 8.78
CA SER A 285 8.44 5.67 8.87
C SER A 285 7.56 5.48 7.64
N PHE A 286 8.07 4.83 6.59
CA PHE A 286 7.20 4.56 5.46
C PHE A 286 5.96 3.78 5.96
N PRO A 287 4.74 4.23 5.59
CA PRO A 287 3.59 3.70 6.36
C PRO A 287 3.08 2.28 5.99
N TYR A 288 3.54 1.73 4.84
CA TYR A 288 3.08 0.46 4.33
C TYR A 288 4.25 -0.49 4.01
N GLY A 289 3.94 -1.77 3.89
CA GLY A 289 4.91 -2.76 3.57
C GLY A 289 5.61 -2.46 2.21
N GLY A 290 4.72 -2.14 1.26
CA GLY A 290 5.14 -1.69 0.00
C GLY A 290 4.06 -0.92 -0.71
N MET A 291 4.49 -0.17 -1.72
CA MET A 291 3.59 0.58 -2.58
C MET A 291 4.06 0.40 -4.01
N GLU A 292 3.14 0.00 -4.87
CA GLU A 292 3.43 -0.45 -6.22
C GLU A 292 3.63 0.67 -7.25
N ASN A 293 4.34 1.72 -6.86
CA ASN A 293 4.51 2.82 -7.80
C ASN A 293 5.21 2.33 -9.04
N PRO A 294 4.70 2.66 -10.23
CA PRO A 294 5.23 2.04 -11.46
C PRO A 294 6.69 2.42 -11.70
N CYS A 295 7.48 1.44 -12.11
CA CYS A 295 8.92 1.53 -12.28
C CYS A 295 9.72 1.56 -11.06
N LEU A 296 9.11 1.83 -9.90
CA LEU A 296 9.87 2.12 -8.68
C LEU A 296 8.98 1.74 -7.48
N THR A 297 8.90 0.45 -7.19
CA THR A 297 8.16 -0.01 -5.98
C THR A 297 8.83 0.59 -4.71
N PHE A 298 8.05 1.07 -3.78
CA PHE A 298 8.53 1.60 -2.49
C PHE A 298 8.38 0.50 -1.48
N VAL A 299 9.39 0.26 -0.65
CA VAL A 299 9.21 -0.74 0.43
C VAL A 299 9.74 -0.27 1.80
N THR A 300 9.13 -0.85 2.81
CA THR A 300 9.55 -0.61 4.21
C THR A 300 10.89 -1.30 4.47
N PRO A 301 11.76 -0.67 5.32
CA PRO A 301 12.96 -1.36 5.75
C PRO A 301 12.71 -2.47 6.76
N THR A 302 11.50 -2.56 7.23
CA THR A 302 11.08 -3.66 8.07
C THR A 302 11.11 -4.98 7.32
N LEU A 303 11.26 -4.97 6.00
CA LEU A 303 11.43 -6.26 5.29
C LEU A 303 12.82 -6.85 5.48
N LEU A 304 13.79 -6.07 5.99
CA LEU A 304 15.20 -6.45 6.04
C LEU A 304 15.51 -7.43 7.17
N ALA A 305 14.93 -8.62 7.03
CA ALA A 305 15.04 -9.66 8.02
C ALA A 305 16.40 -10.38 8.01
N GLY A 306 17.12 -10.35 6.91
CA GLY A 306 18.42 -10.93 6.76
C GLY A 306 18.38 -12.24 6.04
N ASP A 307 17.19 -12.80 5.77
CA ASP A 307 17.10 -14.11 5.22
C ASP A 307 16.06 -14.25 4.09
N LYS A 308 15.56 -13.12 3.58
CA LYS A 308 14.64 -13.03 2.44
C LYS A 308 13.26 -13.55 2.84
N SER A 309 13.00 -13.77 4.14
CA SER A 309 11.74 -14.42 4.52
C SER A 309 10.48 -13.59 4.31
N LEU A 310 10.61 -12.27 4.19
CA LEU A 310 9.46 -11.40 3.98
C LEU A 310 9.31 -10.97 2.53
N SER A 311 9.88 -11.75 1.65
CA SER A 311 9.83 -11.45 0.22
C SER A 311 8.45 -11.57 -0.42
N ASN A 312 7.46 -12.17 0.25
CA ASN A 312 6.13 -12.12 -0.32
C ASN A 312 5.66 -10.71 -0.58
N VAL A 313 6.17 -9.72 0.18
CA VAL A 313 5.76 -8.33 -0.07
C VAL A 313 6.20 -7.87 -1.46
N ILE A 314 7.41 -8.26 -1.85
CA ILE A 314 7.94 -7.99 -3.18
C ILE A 314 7.08 -8.70 -4.23
N ALA A 315 6.72 -9.94 -3.95
CA ALA A 315 5.86 -10.62 -4.91
C ALA A 315 4.52 -9.91 -5.08
N HIS A 316 3.99 -9.39 -3.97
CA HIS A 316 2.76 -8.59 -4.03
C HIS A 316 2.92 -7.33 -4.89
N GLU A 317 3.92 -6.51 -4.55
CA GLU A 317 4.09 -5.35 -5.32
C GLU A 317 4.36 -5.57 -6.80
N ILE A 318 5.14 -6.59 -7.10
CA ILE A 318 5.35 -7.02 -8.50
C ILE A 318 4.01 -7.28 -9.18
N SER A 319 3.18 -8.03 -8.51
CA SER A 319 1.89 -8.48 -9.08
C SER A 319 1.00 -7.31 -9.47
N HIS A 320 1.08 -6.20 -8.72
CA HIS A 320 0.32 -5.01 -9.06
C HIS A 320 0.67 -4.39 -10.41
N SER A 321 1.82 -4.75 -10.99
CA SER A 321 2.19 -4.35 -12.33
C SER A 321 1.15 -4.77 -13.39
N TRP A 322 0.35 -5.74 -12.99
CA TRP A 322 -0.78 -6.17 -13.79
C TRP A 322 -2.10 -5.81 -13.08
N THR A 323 -2.32 -6.38 -11.91
CA THR A 323 -3.56 -6.20 -11.18
C THR A 323 -3.52 -4.98 -10.29
N GLY A 324 -3.97 -3.86 -10.82
CA GLY A 324 -3.87 -2.56 -10.16
C GLY A 324 -3.34 -1.50 -11.08
N ASN A 325 -2.15 -1.73 -11.59
CA ASN A 325 -1.49 -0.75 -12.43
C ASN A 325 -1.94 -0.79 -13.90
N LEU A 326 -2.28 -1.96 -14.40
CA LEU A 326 -2.77 -2.15 -15.76
C LEU A 326 -4.27 -2.18 -15.77
N VAL A 327 -4.86 -3.11 -15.01
CA VAL A 327 -6.30 -3.13 -14.76
C VAL A 327 -6.54 -2.46 -13.41
N THR A 328 -7.26 -1.36 -13.40
CA THR A 328 -7.40 -0.49 -12.21
C THR A 328 -8.82 -0.40 -11.71
N ASN A 329 -9.03 -0.39 -10.38
CA ASN A 329 -10.34 -0.07 -9.81
C ASN A 329 -10.86 1.28 -10.25
N LYS A 330 -12.11 1.35 -10.72
CA LYS A 330 -12.68 2.59 -11.19
C LYS A 330 -12.95 3.57 -10.12
N THR A 331 -13.38 3.07 -8.97
CA THR A 331 -13.42 3.93 -7.75
C THR A 331 -12.93 3.05 -6.58
N TRP A 332 -12.69 3.69 -5.43
CA TRP A 332 -12.12 3.00 -4.28
C TRP A 332 -13.11 2.06 -3.60
N ASP A 333 -14.43 2.12 -3.95
CA ASP A 333 -15.36 1.13 -3.46
C ASP A 333 -14.99 -0.27 -3.99
N HIS A 334 -14.23 -0.35 -5.09
CA HIS A 334 -13.86 -1.57 -5.77
C HIS A 334 -12.37 -1.89 -5.58
N PHE A 335 -11.78 -1.41 -4.48
CA PHE A 335 -10.41 -1.68 -4.09
C PHE A 335 -10.07 -3.12 -4.09
N TRP A 336 -10.99 -3.97 -3.64
CA TRP A 336 -10.72 -5.37 -3.63
C TRP A 336 -10.26 -5.91 -4.97
N LEU A 337 -10.71 -5.31 -6.10
CA LEU A 337 -10.26 -5.79 -7.41
C LEU A 337 -8.76 -5.71 -7.48
N ASN A 338 -8.22 -4.58 -7.02
CA ASN A 338 -6.79 -4.37 -7.02
C ASN A 338 -6.10 -5.32 -6.03
N GLU A 339 -6.53 -5.30 -4.77
CA GLU A 339 -5.80 -6.04 -3.77
C GLU A 339 -6.02 -7.54 -3.76
N GLY A 340 -7.28 -7.91 -3.88
CA GLY A 340 -7.56 -9.37 -3.86
C GLY A 340 -6.93 -10.14 -4.99
N HIS A 341 -6.96 -9.61 -6.22
CA HIS A 341 -6.30 -10.23 -7.33
C HIS A 341 -4.80 -10.22 -7.20
N THR A 342 -4.26 -9.14 -6.57
CA THR A 342 -2.83 -9.11 -6.31
C THR A 342 -2.36 -10.17 -5.31
N VAL A 343 -3.14 -10.34 -4.20
CA VAL A 343 -2.84 -11.37 -3.22
C VAL A 343 -2.86 -12.76 -3.89
N TYR A 344 -3.87 -12.96 -4.76
CA TYR A 344 -3.96 -14.21 -5.47
C TYR A 344 -2.71 -14.45 -6.35
N LEU A 345 -2.24 -13.46 -7.10
CA LEU A 345 -1.05 -13.60 -7.89
C LEU A 345 0.21 -13.72 -7.03
N GLU A 346 0.27 -12.97 -5.93
CA GLU A 346 1.34 -13.03 -4.97
C GLU A 346 1.53 -14.47 -4.51
N ARG A 347 0.42 -15.10 -4.12
CA ARG A 347 0.47 -16.45 -3.60
C ARG A 347 0.80 -17.52 -4.61
N HIS A 348 0.46 -17.27 -5.87
CA HIS A 348 0.97 -18.15 -6.93
C HIS A 348 2.45 -18.00 -7.18
N ILE A 349 3.01 -16.79 -7.13
CA ILE A 349 4.43 -16.61 -7.31
C ILE A 349 5.15 -17.36 -6.21
N CYS A 350 4.70 -17.18 -4.94
CA CYS A 350 5.35 -17.82 -3.84
C CYS A 350 5.15 -19.35 -3.94
N GLY A 351 4.04 -19.82 -4.45
CA GLY A 351 3.82 -21.28 -4.59
C GLY A 351 4.69 -21.88 -5.68
N ARG A 352 4.93 -21.12 -6.74
CA ARG A 352 5.88 -21.58 -7.82
C ARG A 352 7.28 -21.64 -7.28
N LEU A 353 7.71 -20.68 -6.46
CA LEU A 353 9.03 -20.68 -5.89
C LEU A 353 9.26 -21.70 -4.82
N PHE A 354 8.31 -21.82 -3.91
CA PHE A 354 8.49 -22.54 -2.63
C PHE A 354 7.56 -23.74 -2.47
N GLY A 355 6.61 -23.93 -3.39
CA GLY A 355 5.75 -25.09 -3.49
C GLY A 355 4.29 -24.83 -3.17
N GLU A 356 3.42 -25.69 -3.67
CA GLU A 356 2.00 -25.60 -3.52
C GLU A 356 1.56 -25.74 -2.06
N LYS A 357 2.28 -26.56 -1.27
CA LYS A 357 2.00 -26.61 0.16
C LYS A 357 2.19 -25.23 0.83
N PHE A 358 3.19 -24.49 0.44
CA PHE A 358 3.43 -23.16 1.00
C PHE A 358 2.33 -22.21 0.54
N ARG A 359 1.89 -22.31 -0.70
CA ARG A 359 0.75 -21.46 -1.13
C ARG A 359 -0.49 -21.68 -0.27
N HIS A 360 -0.79 -22.96 0.02
CA HIS A 360 -1.90 -23.22 0.87
C HIS A 360 -1.68 -22.75 2.31
N PHE A 361 -0.48 -22.87 2.83
CA PHE A 361 -0.12 -22.39 4.17
C PHE A 361 -0.39 -20.89 4.23
N ASN A 362 0.08 -20.19 3.24
CA ASN A 362 -0.09 -18.69 3.26
C ASN A 362 -1.49 -18.34 3.12
N ALA A 363 -2.23 -19.04 2.25
CA ALA A 363 -3.65 -18.88 2.01
C ALA A 363 -4.45 -19.01 3.33
N LEU A 364 -4.12 -20.04 4.11
CA LEU A 364 -4.83 -20.33 5.33
C LEU A 364 -4.50 -19.26 6.35
N GLY A 365 -3.24 -18.82 6.39
CA GLY A 365 -2.81 -17.71 7.27
C GLY A 365 -3.64 -16.48 6.97
N GLY A 366 -3.90 -16.25 5.70
CA GLY A 366 -4.70 -15.08 5.24
C GLY A 366 -6.12 -15.12 5.75
N TRP A 367 -6.72 -16.30 5.75
CA TRP A 367 -8.03 -16.45 6.32
C TRP A 367 -8.02 -16.07 7.80
N GLY A 368 -6.98 -16.50 8.52
CA GLY A 368 -6.83 -16.10 9.91
C GLY A 368 -6.75 -14.61 10.09
N GLU A 369 -6.08 -13.91 9.16
CA GLU A 369 -6.01 -12.45 9.28
C GLU A 369 -7.40 -11.84 9.02
N LEU A 370 -8.17 -12.46 8.15
CA LEU A 370 -9.53 -11.99 7.83
C LEU A 370 -10.40 -12.17 9.10
N GLN A 371 -10.25 -13.33 9.72
CA GLN A 371 -10.97 -13.60 11.01
C GLN A 371 -10.68 -12.47 11.96
N ASN A 372 -9.41 -12.09 12.07
CA ASN A 372 -9.01 -11.04 13.00
C ASN A 372 -9.69 -9.73 12.67
N SER A 373 -9.60 -9.31 11.41
CA SER A 373 -10.18 -8.05 10.97
C SER A 373 -11.69 -8.04 11.24
N VAL A 374 -12.38 -9.18 10.99
CA VAL A 374 -13.83 -9.25 11.18
C VAL A 374 -14.17 -9.11 12.66
N LYS A 375 -13.39 -9.73 13.51
CA LYS A 375 -13.58 -9.62 14.95
C LYS A 375 -13.31 -8.22 15.43
N THR A 376 -12.28 -7.55 14.91
CA THR A 376 -11.93 -6.20 15.31
C THR A 376 -13.04 -5.22 14.91
N PHE A 377 -13.54 -5.31 13.70
CA PHE A 377 -14.59 -4.37 13.29
C PHE A 377 -15.97 -4.75 13.83
N GLY A 378 -16.21 -6.04 13.94
CA GLY A 378 -17.52 -6.63 14.25
C GLY A 378 -18.11 -7.19 13.02
N GLU A 379 -18.83 -8.30 13.17
CA GLU A 379 -19.27 -9.13 12.06
C GLU A 379 -20.37 -8.49 11.18
N THR A 380 -20.94 -7.38 11.63
CA THR A 380 -21.95 -6.67 10.89
C THR A 380 -21.45 -5.32 10.39
N HIS A 381 -20.18 -5.05 10.57
CA HIS A 381 -19.62 -3.72 10.26
C HIS A 381 -19.55 -3.54 8.75
N PRO A 382 -19.94 -2.37 8.25
CA PRO A 382 -19.85 -2.09 6.82
C PRO A 382 -18.47 -2.25 6.14
N PHE A 383 -17.43 -2.00 6.89
CA PHE A 383 -16.05 -2.02 6.34
C PHE A 383 -15.62 -3.51 6.19
N THR A 384 -16.45 -4.48 6.61
CA THR A 384 -16.18 -5.88 6.35
C THR A 384 -16.86 -6.43 5.09
N LYS A 385 -17.58 -5.59 4.38
CA LYS A 385 -18.10 -5.94 3.05
C LYS A 385 -16.93 -5.93 2.07
N LEU A 386 -17.05 -6.75 1.06
CA LEU A 386 -16.01 -6.77 0.05
C LEU A 386 -16.03 -5.53 -0.81
N VAL A 387 -17.21 -5.18 -1.34
CA VAL A 387 -17.41 -3.87 -1.99
C VAL A 387 -17.88 -2.91 -0.92
N VAL A 388 -17.14 -1.83 -0.68
CA VAL A 388 -17.44 -0.92 0.46
C VAL A 388 -18.00 0.35 -0.11
N ASP A 389 -18.89 0.98 0.63
CA ASP A 389 -19.45 2.24 0.18
C ASP A 389 -18.74 3.35 0.95
N LEU A 390 -17.84 4.05 0.26
CA LEU A 390 -17.08 5.07 0.90
C LEU A 390 -17.67 6.46 0.94
N THR A 391 -18.98 6.58 0.73
CA THR A 391 -19.63 7.88 0.90
C THR A 391 -19.33 8.45 2.31
N ASP A 392 -18.74 9.61 2.31
CA ASP A 392 -18.35 10.29 3.56
C ASP A 392 -17.39 9.49 4.46
N ILE A 393 -16.64 8.58 3.88
CA ILE A 393 -15.66 7.77 4.62
C ILE A 393 -14.27 8.10 4.03
N ASP A 394 -13.34 8.44 4.90
CA ASP A 394 -11.92 8.55 4.54
C ASP A 394 -11.34 7.11 4.29
N PRO A 395 -10.88 6.80 3.06
CA PRO A 395 -10.31 5.45 2.87
C PRO A 395 -9.27 5.04 3.92
N ASP A 396 -8.45 5.97 4.39
CA ASP A 396 -7.42 5.57 5.33
C ASP A 396 -8.01 5.04 6.66
N VAL A 397 -9.21 5.51 6.97
CA VAL A 397 -9.91 5.05 8.18
C VAL A 397 -10.52 3.64 7.98
N ALA A 398 -11.00 3.34 6.76
CA ALA A 398 -11.63 2.09 6.47
C ALA A 398 -10.59 1.01 6.13
N TYR A 399 -9.37 1.40 5.76
CA TYR A 399 -8.31 0.45 5.37
C TYR A 399 -8.17 -0.74 6.32
N SER A 400 -8.16 -1.96 5.75
CA SER A 400 -8.02 -3.21 6.51
C SER A 400 -7.59 -4.36 5.65
N SER A 401 -7.43 -5.52 6.30
CA SER A 401 -7.19 -6.74 5.56
C SER A 401 -8.38 -7.27 4.76
N VAL A 402 -9.58 -6.69 4.93
CA VAL A 402 -10.75 -7.26 4.29
C VAL A 402 -10.65 -7.38 2.76
N PRO A 403 -10.25 -6.25 2.06
CA PRO A 403 -10.23 -6.38 0.57
C PRO A 403 -9.20 -7.37 0.09
N TYR A 404 -8.09 -7.49 0.82
CA TYR A 404 -7.02 -8.40 0.58
C TYR A 404 -7.50 -9.82 0.71
N GLU A 405 -8.06 -10.15 1.87
CA GLU A 405 -8.24 -11.51 2.27
C GLU A 405 -9.67 -12.02 2.02
N LYS A 406 -10.69 -11.19 2.11
CA LYS A 406 -11.99 -11.63 1.60
C LYS A 406 -11.91 -11.70 0.09
N GLY A 407 -11.20 -10.77 -0.53
CA GLY A 407 -10.99 -10.83 -1.99
C GLY A 407 -10.26 -12.12 -2.41
N PHE A 408 -9.14 -12.38 -1.75
CA PHE A 408 -8.36 -13.55 -2.00
C PHE A 408 -9.27 -14.80 -1.83
N ALA A 409 -10.02 -14.80 -0.76
CA ALA A 409 -10.81 -16.06 -0.43
C ALA A 409 -11.84 -16.27 -1.53
N LEU A 410 -12.46 -15.20 -1.99
CA LEU A 410 -13.41 -15.37 -3.13
C LEU A 410 -12.74 -16.04 -4.32
N LEU A 411 -11.59 -15.50 -4.71
CA LEU A 411 -10.86 -16.02 -5.87
C LEU A 411 -10.39 -17.47 -5.67
N PHE A 412 -9.96 -17.82 -4.45
CA PHE A 412 -9.48 -19.14 -4.14
C PHE A 412 -10.70 -20.11 -4.14
N TYR A 413 -11.82 -19.66 -3.62
CA TYR A 413 -13.13 -20.44 -3.67
C TYR A 413 -13.51 -20.65 -5.13
N LEU A 414 -13.42 -19.61 -5.94
CA LEU A 414 -13.69 -19.77 -7.42
C LEU A 414 -12.73 -20.69 -8.13
N GLU A 415 -11.44 -20.60 -7.78
CA GLU A 415 -10.47 -21.53 -8.28
C GLU A 415 -10.90 -22.98 -8.06
N GLN A 416 -11.30 -23.25 -6.86
CA GLN A 416 -11.67 -24.63 -6.44
C GLN A 416 -12.97 -25.00 -7.12
N LEU A 417 -13.89 -24.10 -7.18
CA LEU A 417 -15.22 -24.44 -7.84
C LEU A 417 -15.01 -24.79 -9.32
N LEU A 418 -14.15 -24.01 -10.00
CA LEU A 418 -14.05 -24.03 -11.48
C LEU A 418 -13.01 -24.96 -12.07
N GLY A 419 -12.34 -25.75 -11.25
CA GLY A 419 -11.46 -26.82 -11.79
C GLY A 419 -9.99 -26.71 -11.48
N GLY A 420 -9.62 -25.69 -10.67
CA GLY A 420 -8.30 -25.64 -10.09
C GLY A 420 -7.43 -24.47 -10.64
N PRO A 421 -6.17 -24.46 -10.17
CA PRO A 421 -5.33 -23.27 -10.37
C PRO A 421 -4.93 -23.05 -11.83
N GLU A 422 -4.70 -24.11 -12.61
CA GLU A 422 -4.30 -23.90 -14.01
C GLU A 422 -5.45 -23.23 -14.77
N ILE A 423 -6.67 -23.73 -14.56
CA ILE A 423 -7.85 -23.15 -15.13
C ILE A 423 -8.10 -21.71 -14.72
N PHE A 424 -7.97 -21.42 -13.43
CA PHE A 424 -8.33 -20.09 -12.96
C PHE A 424 -7.22 -19.11 -13.37
N LEU A 425 -5.96 -19.58 -13.45
CA LEU A 425 -4.87 -18.73 -13.97
C LEU A 425 -5.11 -18.35 -15.43
N GLY A 426 -5.80 -19.22 -16.23
CA GLY A 426 -6.18 -18.81 -17.62
C GLY A 426 -7.17 -17.68 -17.66
N PHE A 427 -8.12 -17.68 -16.72
CA PHE A 427 -9.01 -16.60 -16.51
C PHE A 427 -8.25 -15.31 -16.12
N LEU A 428 -7.37 -15.45 -15.19
CA LEU A 428 -6.66 -14.23 -14.70
C LEU A 428 -5.89 -13.54 -15.84
N LYS A 429 -5.21 -14.30 -16.69
CA LYS A 429 -4.42 -13.73 -17.76
C LYS A 429 -5.36 -13.05 -18.78
N ALA A 430 -6.44 -13.76 -19.12
CA ALA A 430 -7.45 -13.21 -19.98
C ALA A 430 -8.11 -11.93 -19.50
N TYR A 431 -8.33 -11.84 -18.20
CA TYR A 431 -8.88 -10.65 -17.53
C TYR A 431 -7.93 -9.48 -17.62
N VAL A 432 -6.65 -9.76 -17.34
CA VAL A 432 -5.63 -8.72 -17.44
C VAL A 432 -5.57 -8.21 -18.88
N GLU A 433 -5.64 -9.12 -19.85
CA GLU A 433 -5.57 -8.68 -21.22
C GLU A 433 -6.78 -7.83 -21.60
N LYS A 434 -7.96 -8.23 -21.15
CA LYS A 434 -9.19 -7.63 -21.52
C LYS A 434 -9.28 -6.19 -21.03
N PHE A 435 -8.77 -5.98 -19.82
CA PHE A 435 -8.98 -4.73 -19.20
C PHE A 435 -7.70 -3.87 -19.01
N SER A 436 -6.66 -4.24 -19.68
CA SER A 436 -5.40 -3.50 -19.66
C SER A 436 -5.62 -2.06 -20.06
N TYR A 437 -5.04 -1.14 -19.29
CA TYR A 437 -5.14 0.29 -19.51
C TYR A 437 -6.50 0.90 -19.18
N LYS A 438 -7.40 0.13 -18.55
CA LYS A 438 -8.72 0.57 -18.25
C LYS A 438 -8.98 0.58 -16.71
N SER A 439 -10.08 1.20 -16.34
CA SER A 439 -10.54 1.25 -14.94
C SER A 439 -11.91 0.65 -14.90
N ILE A 440 -12.11 -0.25 -13.95
CA ILE A 440 -13.33 -1.11 -13.96
C ILE A 440 -14.04 -1.35 -12.65
N THR A 441 -15.25 -1.83 -12.69
CA THR A 441 -16.01 -2.05 -11.52
C THR A 441 -16.13 -3.54 -11.18
N THR A 442 -16.65 -3.81 -10.02
CA THR A 442 -16.91 -5.21 -9.67
C THR A 442 -17.83 -5.87 -10.71
N ASP A 443 -18.85 -5.15 -11.15
CA ASP A 443 -19.73 -5.77 -12.15
C ASP A 443 -19.04 -6.03 -13.43
N ASP A 444 -18.06 -5.14 -13.85
CA ASP A 444 -17.25 -5.48 -15.03
C ASP A 444 -16.52 -6.80 -14.91
N TRP A 445 -15.93 -6.99 -13.72
CA TRP A 445 -15.19 -8.20 -13.43
C TRP A 445 -16.10 -9.44 -13.49
N LYS A 446 -17.26 -9.28 -12.87
CA LYS A 446 -18.24 -10.39 -12.72
C LYS A 446 -18.75 -10.78 -14.11
N ASP A 447 -19.07 -9.78 -14.88
CA ASP A 447 -19.53 -9.99 -16.32
C ASP A 447 -18.51 -10.75 -17.11
N PHE A 448 -17.20 -10.40 -17.01
CA PHE A 448 -16.16 -11.05 -17.69
C PHE A 448 -15.95 -12.45 -17.17
N LEU A 449 -16.03 -12.67 -15.83
CA LEU A 449 -15.94 -14.01 -15.25
C LEU A 449 -17.02 -14.96 -15.91
N TYR A 450 -18.21 -14.42 -16.01
CA TYR A 450 -19.35 -15.17 -16.64
C TYR A 450 -19.11 -15.40 -18.14
N SER A 451 -18.51 -14.46 -18.82
CA SER A 451 -18.19 -14.60 -20.27
C SER A 451 -17.09 -15.67 -20.48
N TYR A 452 -16.02 -15.53 -19.75
CA TYR A 452 -14.95 -16.49 -19.85
C TYR A 452 -15.38 -17.91 -19.52
N PHE A 453 -16.14 -18.06 -18.44
CA PHE A 453 -16.51 -19.34 -17.94
C PHE A 453 -17.94 -19.68 -18.37
N LYS A 454 -18.29 -19.24 -19.54
CA LYS A 454 -19.74 -19.41 -19.94
C LYS A 454 -20.22 -20.87 -19.92
N ASP A 455 -19.31 -21.79 -20.27
CA ASP A 455 -19.55 -23.27 -20.12
C ASP A 455 -19.66 -23.84 -18.70
N LYS A 456 -19.43 -23.01 -17.67
CA LYS A 456 -19.59 -23.39 -16.29
C LYS A 456 -20.51 -22.43 -15.49
N VAL A 457 -21.43 -21.82 -16.20
CA VAL A 457 -22.36 -20.89 -15.59
C VAL A 457 -23.16 -21.56 -14.49
N ASP A 458 -23.51 -22.84 -14.65
CA ASP A 458 -24.27 -23.49 -13.60
C ASP A 458 -23.49 -23.54 -12.30
N VAL A 459 -22.15 -23.74 -12.35
CA VAL A 459 -21.26 -23.71 -11.20
C VAL A 459 -21.23 -22.29 -10.59
N LEU A 460 -21.04 -21.30 -11.45
CA LEU A 460 -20.99 -19.89 -11.00
C LEU A 460 -22.27 -19.48 -10.38
N ASN A 461 -23.40 -19.96 -10.92
CA ASN A 461 -24.66 -19.70 -10.23
C ASN A 461 -24.87 -20.37 -8.85
N GLN A 462 -24.05 -21.32 -8.44
CA GLN A 462 -24.07 -21.75 -7.04
C GLN A 462 -23.48 -20.73 -6.09
N VAL A 463 -22.70 -19.76 -6.62
CA VAL A 463 -22.12 -18.76 -5.76
C VAL A 463 -23.17 -17.80 -5.19
N ASP A 464 -23.06 -17.50 -3.89
CA ASP A 464 -23.96 -16.54 -3.25
C ASP A 464 -23.31 -15.16 -3.39
N TRP A 465 -23.51 -14.60 -4.58
CA TRP A 465 -22.87 -13.33 -4.96
C TRP A 465 -23.22 -12.20 -4.03
N ASN A 466 -24.47 -12.16 -3.61
CA ASN A 466 -24.87 -11.07 -2.77
C ASN A 466 -24.12 -11.14 -1.46
N ALA A 467 -23.93 -12.36 -0.89
CA ALA A 467 -23.28 -12.47 0.40
C ALA A 467 -21.77 -12.14 0.20
N TRP A 468 -21.15 -12.76 -0.80
CA TRP A 468 -19.68 -12.54 -0.99
C TRP A 468 -19.32 -11.11 -1.26
N LEU A 469 -20.08 -10.47 -2.14
CA LEU A 469 -19.75 -9.06 -2.56
C LEU A 469 -20.26 -8.03 -1.61
N TYR A 470 -21.47 -8.24 -1.05
CA TYR A 470 -22.17 -7.17 -0.38
C TYR A 470 -22.53 -7.31 1.09
N SER A 471 -22.29 -8.47 1.70
CA SER A 471 -22.65 -8.70 3.07
C SER A 471 -21.46 -8.54 4.00
N PRO A 472 -21.65 -8.01 5.18
CA PRO A 472 -20.57 -8.01 6.15
C PRO A 472 -20.22 -9.39 6.72
N GLY A 473 -19.09 -9.51 7.39
CA GLY A 473 -18.73 -10.69 8.12
C GLY A 473 -17.82 -11.64 7.37
N LEU A 474 -17.61 -12.80 7.96
CA LEU A 474 -16.88 -13.83 7.27
C LEU A 474 -17.67 -14.28 6.04
N PRO A 475 -16.95 -14.71 4.99
CA PRO A 475 -17.64 -15.19 3.80
C PRO A 475 -18.54 -16.39 4.12
N PRO A 476 -19.50 -16.67 3.28
CA PRO A 476 -20.48 -17.76 3.53
C PRO A 476 -19.94 -19.17 3.39
N ILE A 477 -18.82 -19.30 2.71
CA ILE A 477 -18.14 -20.56 2.47
C ILE A 477 -16.67 -20.34 2.70
N LYS A 478 -16.05 -21.26 3.39
CA LYS A 478 -14.57 -21.29 3.54
C LYS A 478 -13.98 -22.29 2.55
N PRO A 479 -12.97 -21.88 1.76
CA PRO A 479 -12.27 -22.80 0.87
C PRO A 479 -11.64 -24.02 1.60
N ASN A 480 -11.16 -24.99 0.81
CA ASN A 480 -10.41 -26.10 1.29
C ASN A 480 -8.92 -25.75 1.29
N TYR A 481 -8.23 -26.03 2.38
CA TYR A 481 -6.79 -25.79 2.47
C TYR A 481 -6.02 -27.06 2.85
N ASP A 482 -4.93 -27.33 2.16
CA ASP A 482 -3.91 -28.28 2.57
C ASP A 482 -3.40 -27.82 3.93
N MET A 483 -3.26 -28.74 4.86
CA MET A 483 -2.86 -28.42 6.22
C MET A 483 -1.42 -28.78 6.52
N THR A 484 -0.68 -29.32 5.54
CA THR A 484 0.62 -29.91 5.84
C THR A 484 1.56 -29.06 6.74
N LEU A 485 1.81 -27.81 6.34
CA LEU A 485 2.72 -26.89 7.04
C LEU A 485 2.05 -26.19 8.24
N THR A 486 0.73 -26.24 8.28
CA THR A 486 0.00 -25.55 9.37
C THR A 486 -0.07 -26.45 10.62
N ASN A 487 -0.19 -27.74 10.43
CA ASN A 487 -0.47 -28.64 11.60
C ASN A 487 0.46 -28.49 12.75
N ALA A 488 1.80 -28.38 12.51
CA ALA A 488 2.77 -28.20 13.59
C ALA A 488 2.52 -26.92 14.34
N CYS A 489 2.15 -25.87 13.63
CA CYS A 489 1.88 -24.57 14.25
C CYS A 489 0.72 -24.64 15.23
N ILE A 490 -0.39 -25.25 14.75
CA ILE A 490 -1.60 -25.43 15.55
C ILE A 490 -1.32 -26.35 16.77
N ALA A 491 -0.64 -27.44 16.53
CA ALA A 491 -0.31 -28.39 17.61
C ALA A 491 0.47 -27.72 18.71
N LEU A 492 1.50 -26.91 18.35
CA LEU A 492 2.32 -26.26 19.36
C LEU A 492 1.53 -25.14 20.09
N SER A 493 0.71 -24.41 19.34
CA SER A 493 -0.17 -23.38 19.95
C SER A 493 -1.07 -24.03 21.00
N GLN A 494 -1.68 -25.11 20.59
CA GLN A 494 -2.64 -25.81 21.46
C GLN A 494 -1.95 -26.36 22.68
N ARG A 495 -0.76 -26.89 22.52
CA ARG A 495 0.01 -27.31 23.71
C ARG A 495 0.16 -26.20 24.70
N TRP A 496 0.58 -25.01 24.25
CA TRP A 496 0.71 -23.91 25.15
C TRP A 496 -0.58 -23.44 25.78
N ILE A 497 -1.64 -23.33 24.98
CA ILE A 497 -2.93 -22.86 25.47
C ILE A 497 -3.52 -23.79 26.56
N THR A 498 -3.33 -25.10 26.38
CA THR A 498 -3.89 -26.10 27.26
C THR A 498 -2.92 -26.46 28.41
N ALA A 499 -1.70 -25.94 28.40
CA ALA A 499 -0.72 -26.19 29.45
C ALA A 499 -1.18 -25.64 30.76
N LYS A 500 -0.91 -26.40 31.84
CA LYS A 500 -1.04 -25.87 33.18
C LYS A 500 0.39 -25.70 33.71
N GLU A 501 0.47 -25.02 34.86
CA GLU A 501 1.79 -24.71 35.46
C GLU A 501 2.74 -25.91 35.47
N ASP A 502 2.19 -27.08 35.78
CA ASP A 502 3.04 -28.29 35.90
C ASP A 502 3.48 -28.85 34.54
N ASP A 503 2.97 -28.32 33.43
CA ASP A 503 3.40 -28.66 32.08
C ASP A 503 4.46 -27.72 31.50
N LEU A 504 4.70 -26.59 32.15
CA LEU A 504 5.60 -25.60 31.59
C LEU A 504 7.03 -26.14 31.39
N ASN A 505 7.44 -27.02 32.30
CA ASN A 505 8.83 -27.52 32.31
C ASN A 505 9.04 -28.36 31.07
N SER A 506 7.97 -28.88 30.50
CA SER A 506 8.05 -29.77 29.30
C SER A 506 8.46 -29.04 28.01
N PHE A 507 8.23 -27.74 27.95
CA PHE A 507 8.65 -26.96 26.80
C PHE A 507 10.15 -26.79 26.78
N ASN A 508 10.69 -26.74 25.56
CA ASN A 508 12.14 -26.59 25.37
C ASN A 508 12.42 -26.09 23.93
N ALA A 509 13.57 -25.49 23.76
CA ALA A 509 14.00 -24.99 22.48
C ALA A 509 13.90 -25.98 21.34
N THR A 510 13.95 -27.26 21.63
CA THR A 510 13.79 -28.23 20.57
C THR A 510 12.45 -28.27 19.94
N ASP A 511 11.41 -27.75 20.64
CA ASP A 511 10.10 -27.64 20.04
C ASP A 511 10.12 -26.89 18.72
N LEU A 512 11.07 -26.02 18.50
CA LEU A 512 11.09 -25.11 17.30
C LEU A 512 11.98 -25.66 16.19
N LYS A 513 12.65 -26.78 16.47
CA LYS A 513 13.78 -27.10 15.58
C LYS A 513 13.38 -27.37 14.15
N ASP A 514 12.18 -27.90 13.89
CA ASP A 514 11.74 -28.12 12.54
C ASP A 514 10.77 -27.07 11.96
N LEU A 515 10.72 -25.92 12.59
CA LEU A 515 9.79 -24.87 12.16
C LEU A 515 10.54 -23.79 11.43
N SER A 516 10.02 -23.41 10.29
CA SER A 516 10.58 -22.28 9.54
C SER A 516 10.18 -20.99 10.24
N SER A 517 10.80 -19.88 9.79
CA SER A 517 10.41 -18.56 10.33
C SER A 517 8.87 -18.37 10.06
N HIS A 518 8.39 -18.79 8.91
CA HIS A 518 6.96 -18.62 8.57
C HIS A 518 6.07 -19.36 9.56
N GLN A 519 6.51 -20.58 9.90
CA GLN A 519 5.78 -21.38 10.89
C GLN A 519 5.85 -20.80 12.26
N LEU A 520 6.98 -20.22 12.64
CA LEU A 520 7.09 -19.62 13.95
C LEU A 520 6.07 -18.46 13.98
N ASN A 521 6.02 -17.65 12.92
CA ASN A 521 5.04 -16.60 12.81
C ASN A 521 3.62 -17.07 12.96
N GLU A 522 3.29 -18.17 12.29
CA GLU A 522 1.94 -18.71 12.39
C GLU A 522 1.63 -19.34 13.77
N PHE A 523 2.62 -19.97 14.40
CA PHE A 523 2.44 -20.40 15.82
C PHE A 523 2.03 -19.17 16.70
N LEU A 524 2.72 -18.06 16.52
CA LEU A 524 2.43 -16.89 17.32
C LEU A 524 1.13 -16.32 16.91
N ALA A 525 0.74 -16.27 15.63
CA ALA A 525 -0.58 -15.73 15.25
C ALA A 525 -1.75 -16.57 15.80
N GLN A 526 -1.59 -17.88 15.76
CA GLN A 526 -2.55 -18.77 16.34
C GLN A 526 -2.68 -18.54 17.87
N THR A 527 -1.60 -18.34 18.53
CA THR A 527 -1.63 -18.14 19.96
C THR A 527 -2.25 -16.77 20.31
N LEU A 528 -1.85 -15.75 19.54
CA LEU A 528 -2.35 -14.42 19.72
C LEU A 528 -3.89 -14.38 19.59
N GLN A 529 -4.47 -15.21 18.75
CA GLN A 529 -5.90 -15.31 18.59
C GLN A 529 -6.60 -15.76 19.89
N ARG A 530 -5.85 -16.33 20.82
CA ARG A 530 -6.42 -16.78 22.12
C ARG A 530 -5.84 -15.97 23.27
N ALA A 531 -5.16 -14.84 22.99
CA ALA A 531 -4.58 -14.06 24.03
C ALA A 531 -5.65 -13.33 24.88
N PRO A 532 -5.43 -13.14 26.18
CA PRO A 532 -4.12 -13.38 26.88
C PRO A 532 -3.92 -14.80 27.23
N LEU A 533 -2.66 -15.17 27.43
CA LEU A 533 -2.31 -16.38 28.11
C LEU A 533 -1.83 -15.99 29.54
N PRO A 534 -1.78 -16.96 30.44
CA PRO A 534 -1.13 -16.60 31.70
C PRO A 534 0.27 -16.04 31.60
N LEU A 535 0.55 -15.07 32.50
CA LEU A 535 1.84 -14.42 32.52
C LEU A 535 2.96 -15.42 32.68
N GLY A 536 2.80 -16.44 33.52
CA GLY A 536 3.83 -17.45 33.64
C GLY A 536 4.15 -18.23 32.38
N HIS A 537 3.10 -18.45 31.55
CA HIS A 537 3.35 -19.11 30.27
C HIS A 537 4.21 -18.27 29.33
N ILE A 538 3.88 -16.97 29.25
CA ILE A 538 4.60 -16.06 28.41
C ILE A 538 6.09 -15.91 28.89
N LYS A 539 6.31 -15.87 30.19
CA LYS A 539 7.67 -15.81 30.68
C LYS A 539 8.36 -17.13 30.31
N ARG A 540 7.71 -18.29 30.45
CA ARG A 540 8.32 -19.55 30.05
C ARG A 540 8.68 -19.55 28.58
N MET A 541 7.80 -19.02 27.74
CA MET A 541 8.03 -18.94 26.30
C MET A 541 9.34 -18.18 26.03
N GLN A 542 9.58 -17.10 26.73
CA GLN A 542 10.81 -16.31 26.50
C GLN A 542 12.00 -17.12 27.00
N GLU A 543 11.85 -17.81 28.14
CA GLU A 543 12.94 -18.59 28.72
C GLU A 543 13.37 -19.69 27.78
N VAL A 544 12.46 -20.39 27.10
CA VAL A 544 12.86 -21.53 26.30
C VAL A 544 13.04 -21.22 24.81
N TYR A 545 12.36 -20.19 24.26
CA TYR A 545 12.40 -19.90 22.85
C TYR A 545 13.17 -18.61 22.55
N ASN A 546 13.37 -17.73 23.53
CA ASN A 546 14.11 -16.49 23.37
C ASN A 546 13.59 -15.69 22.19
N PHE A 547 12.28 -15.50 22.11
CA PHE A 547 11.69 -14.71 21.08
C PHE A 547 12.13 -13.24 21.15
N ASN A 548 12.57 -12.77 22.32
CA ASN A 548 13.05 -11.37 22.41
C ASN A 548 14.24 -11.12 21.53
N ALA A 549 14.97 -12.17 21.18
CA ALA A 549 16.14 -12.05 20.31
C ALA A 549 15.80 -11.98 18.80
N ILE A 550 14.55 -12.23 18.40
CA ILE A 550 14.23 -12.40 16.96
C ILE A 550 13.98 -10.97 16.42
N ASN A 551 14.68 -10.62 15.36
CA ASN A 551 14.44 -9.30 14.76
C ASN A 551 13.53 -9.27 13.55
N ASN A 552 13.17 -10.44 13.04
CA ASN A 552 12.12 -10.54 12.01
C ASN A 552 10.89 -9.74 12.42
N SER A 553 10.49 -8.73 11.67
CA SER A 553 9.51 -7.76 12.15
C SER A 553 8.14 -8.38 12.35
N GLU A 554 7.76 -9.29 11.52
CA GLU A 554 6.43 -9.94 11.64
C GLU A 554 6.36 -10.81 12.92
N ILE A 555 7.40 -11.57 13.15
CA ILE A 555 7.47 -12.36 14.38
C ILE A 555 7.56 -11.50 15.60
N ARG A 556 8.42 -10.49 15.58
CA ARG A 556 8.56 -9.69 16.78
C ARG A 556 7.26 -8.93 17.12
N PHE A 557 6.60 -8.43 16.08
CA PHE A 557 5.32 -7.79 16.21
C PHE A 557 4.32 -8.64 16.97
N ARG A 558 4.14 -9.87 16.51
CA ARG A 558 3.13 -10.73 17.14
C ARG A 558 3.53 -11.14 18.55
N TRP A 559 4.84 -11.39 18.75
CA TRP A 559 5.38 -11.76 20.06
C TRP A 559 5.14 -10.62 21.01
N LEU A 560 5.47 -9.41 20.61
CA LEU A 560 5.24 -8.28 21.52
C LEU A 560 3.78 -8.01 21.84
N ARG A 561 2.89 -8.17 20.82
CA ARG A 561 1.46 -8.08 21.07
C ARG A 561 1.02 -9.13 22.13
N LEU A 562 1.49 -10.34 21.97
CA LEU A 562 1.18 -11.44 22.87
C LEU A 562 1.63 -11.10 24.30
N CYS A 563 2.79 -10.54 24.40
CA CYS A 563 3.31 -10.18 25.72
C CYS A 563 2.54 -9.02 26.37
N ILE A 564 2.21 -7.97 25.61
CA ILE A 564 1.47 -6.85 26.15
C ILE A 564 0.05 -7.26 26.51
N GLN A 565 -0.61 -8.00 25.62
CA GLN A 565 -1.96 -8.48 25.94
C GLN A 565 -1.98 -9.43 27.13
N SER A 566 -0.86 -10.13 27.38
CA SER A 566 -0.76 -10.99 28.52
C SER A 566 -0.20 -10.24 29.75
N LYS A 567 -0.07 -8.90 29.69
CA LYS A 567 0.24 -8.06 30.84
C LYS A 567 1.64 -8.26 31.40
N TRP A 568 2.60 -8.47 30.52
CA TRP A 568 4.04 -8.56 30.91
C TRP A 568 4.63 -7.17 30.86
N GLU A 569 4.87 -6.60 32.06
CA GLU A 569 5.41 -5.27 32.10
C GLU A 569 6.80 -5.12 31.46
N ASP A 570 7.63 -6.18 31.46
CA ASP A 570 9.00 -6.13 30.91
C ASP A 570 8.94 -5.88 29.42
N ALA A 571 7.82 -6.25 28.77
CA ALA A 571 7.63 -6.01 27.34
C ALA A 571 7.28 -4.59 26.98
N ILE A 572 6.93 -3.75 27.95
CA ILE A 572 6.46 -2.39 27.66
C ILE A 572 7.51 -1.65 26.88
N PRO A 573 8.77 -1.58 27.40
CA PRO A 573 9.77 -0.78 26.66
C PRO A 573 10.07 -1.34 25.25
N LEU A 574 9.99 -2.66 25.11
CA LEU A 574 10.25 -3.28 23.84
C LEU A 574 9.17 -2.90 22.83
N ALA A 575 7.92 -2.93 23.27
CA ALA A 575 6.79 -2.59 22.43
C ALA A 575 6.77 -1.11 22.06
N LEU A 576 7.12 -0.24 23.01
CA LEU A 576 7.18 1.16 22.72
C LEU A 576 8.31 1.46 21.72
N LYS A 577 9.44 0.80 21.89
CA LYS A 577 10.56 0.93 20.99
C LYS A 577 10.16 0.52 19.56
N MET A 578 9.57 -0.65 19.42
CA MET A 578 9.22 -1.05 18.03
C MET A 578 8.15 -0.12 17.44
N ALA A 579 7.20 0.39 18.26
CA ALA A 579 6.11 1.22 17.75
C ALA A 579 6.62 2.53 17.17
N THR A 580 7.73 3.00 17.75
CA THR A 580 8.23 4.35 17.46
C THR A 580 9.48 4.33 16.57
N GLU A 581 10.28 3.27 16.57
CA GLU A 581 11.54 3.19 15.78
C GLU A 581 11.28 2.87 14.34
N GLN A 582 10.10 2.34 14.07
CA GLN A 582 9.59 2.25 12.69
C GLN A 582 8.13 2.73 12.73
N GLY A 583 7.52 2.93 11.55
CA GLY A 583 6.18 3.45 11.42
C GLY A 583 5.33 2.75 10.39
N ARG A 584 5.67 1.49 10.11
CA ARG A 584 4.72 0.73 9.25
C ARG A 584 3.44 0.61 10.06
N MET A 585 2.33 1.07 9.49
CA MET A 585 1.07 1.13 10.25
C MET A 585 0.56 -0.22 10.71
N LYS A 586 0.83 -1.25 9.94
CA LYS A 586 0.51 -2.63 10.28
C LYS A 586 1.02 -2.99 11.69
N PHE A 587 2.20 -2.46 12.01
CA PHE A 587 2.85 -2.74 13.28
C PHE A 587 2.59 -1.61 14.31
N THR A 588 2.82 -0.38 13.90
CA THR A 588 2.67 0.75 14.81
C THR A 588 1.27 0.95 15.40
N ARG A 589 0.22 0.85 14.59
CA ARG A 589 -1.13 1.00 15.12
C ARG A 589 -1.51 -0.01 16.15
N PRO A 590 -1.30 -1.34 15.92
CA PRO A 590 -1.77 -2.27 16.93
C PRO A 590 -0.89 -2.30 18.14
N LEU A 591 0.40 -1.96 17.97
CA LEU A 591 1.25 -1.87 19.15
C LEU A 591 0.84 -0.69 20.03
N PHE A 592 0.61 0.47 19.44
CA PHE A 592 0.07 1.60 20.29
C PHE A 592 -1.27 1.25 20.94
N LYS A 593 -2.20 0.61 20.22
CA LYS A 593 -3.49 0.26 20.75
C LYS A 593 -3.35 -0.74 21.87
N ASP A 594 -2.46 -1.73 21.73
CA ASP A 594 -2.31 -2.68 22.79
C ASP A 594 -1.70 -2.00 24.05
N LEU A 595 -0.75 -1.13 23.81
CA LEU A 595 -0.10 -0.45 24.92
C LEU A 595 -1.07 0.51 25.59
N ALA A 596 -1.98 1.10 24.84
CA ALA A 596 -3.00 1.97 25.48
C ALA A 596 -4.00 1.15 26.28
N ALA A 597 -4.25 -0.09 25.86
CA ALA A 597 -5.27 -0.90 26.51
C ALA A 597 -4.73 -1.56 27.79
N PHE A 598 -3.44 -1.59 27.97
CA PHE A 598 -2.79 -2.15 29.18
C PHE A 598 -2.61 -1.02 30.18
N ASP A 599 -3.30 -1.12 31.32
CA ASP A 599 -3.30 -0.01 32.22
C ASP A 599 -1.90 0.42 32.62
N LYS A 600 -0.94 -0.51 32.77
CA LYS A 600 0.38 -0.21 33.20
C LYS A 600 1.14 0.69 32.19
N SER A 601 0.86 0.51 30.87
CA SER A 601 1.57 1.24 29.85
C SER A 601 0.76 2.39 29.27
N HIS A 602 -0.47 2.57 29.69
CA HIS A 602 -1.43 3.48 29.02
C HIS A 602 -0.91 4.91 28.98
N ASP A 603 -0.49 5.39 30.16
CA ASP A 603 -0.04 6.80 30.19
C ASP A 603 1.18 7.06 29.39
N GLN A 604 2.15 6.16 29.48
CA GLN A 604 3.35 6.26 28.70
C GLN A 604 3.09 6.16 27.16
N ALA A 605 2.12 5.34 26.79
CA ALA A 605 1.80 5.15 25.36
C ALA A 605 1.30 6.51 24.80
N VAL A 606 0.43 7.17 25.56
CA VAL A 606 -0.19 8.43 25.13
C VAL A 606 0.86 9.50 25.12
N ARG A 607 1.71 9.57 26.17
CA ARG A 607 2.80 10.55 26.15
C ARG A 607 3.74 10.39 25.00
N THR A 608 4.03 9.12 24.68
CA THR A 608 4.96 8.77 23.65
C THR A 608 4.40 9.24 22.32
N TYR A 609 3.14 8.98 22.11
CA TYR A 609 2.47 9.44 20.87
C TYR A 609 2.51 10.96 20.78
N GLN A 610 2.23 11.62 21.89
CA GLN A 610 2.20 13.08 21.86
C GLN A 610 3.57 13.63 21.54
N GLU A 611 4.63 13.06 22.09
CA GLU A 611 5.98 13.48 21.88
C GLU A 611 6.46 13.31 20.42
N HIS A 612 5.99 12.22 19.79
CA HIS A 612 6.44 11.84 18.48
C HIS A 612 5.58 12.36 17.38
N LYS A 613 4.35 12.76 17.68
CA LYS A 613 3.38 13.04 16.65
C LYS A 613 3.84 14.06 15.57
N ALA A 614 4.50 15.15 15.99
CA ALA A 614 4.98 16.14 15.00
C ALA A 614 6.00 15.58 14.02
N SER A 615 6.70 14.48 14.37
CA SER A 615 7.71 13.96 13.53
C SER A 615 7.29 12.62 12.83
N MET A 616 6.00 12.32 12.92
CA MET A 616 5.46 11.10 12.34
C MET A 616 5.00 11.44 10.90
N HIS A 617 4.82 10.39 10.10
CA HIS A 617 4.12 10.51 8.87
C HIS A 617 2.72 11.07 9.16
N PRO A 618 2.19 11.99 8.32
CA PRO A 618 0.92 12.63 8.65
C PRO A 618 -0.29 11.71 8.74
N VAL A 619 -0.38 10.66 7.90
CA VAL A 619 -1.49 9.73 7.95
C VAL A 619 -1.39 8.84 9.17
N THR A 620 -0.17 8.35 9.43
CA THR A 620 0.02 7.54 10.62
C THR A 620 -0.31 8.30 11.89
N ALA A 621 0.15 9.55 11.93
CA ALA A 621 -0.14 10.38 13.10
C ALA A 621 -1.61 10.56 13.33
N MET A 622 -2.34 10.83 12.24
CA MET A 622 -3.79 10.88 12.31
C MET A 622 -4.45 9.66 12.88
N LEU A 623 -4.09 8.49 12.33
CA LEU A 623 -4.75 7.27 12.68
C LEU A 623 -4.41 6.80 14.09
N VAL A 624 -3.13 6.92 14.45
CA VAL A 624 -2.74 6.58 15.83
C VAL A 624 -3.48 7.48 16.83
N GLY A 625 -3.61 8.74 16.53
CA GLY A 625 -4.38 9.63 17.42
C GLY A 625 -5.84 9.21 17.52
N LYS A 626 -6.47 8.79 16.40
CA LYS A 626 -7.81 8.28 16.47
C LYS A 626 -7.89 7.01 17.30
N ASP A 627 -6.95 6.10 17.08
CA ASP A 627 -6.95 4.85 17.77
C ASP A 627 -6.89 5.06 19.30
N LEU A 628 -6.08 5.98 19.72
CA LEU A 628 -5.76 6.25 21.14
C LEU A 628 -6.77 7.24 21.75
N LYS A 629 -7.70 7.74 20.93
CA LYS A 629 -8.70 8.77 21.33
C LYS A 629 -8.07 10.00 21.89
N VAL A 630 -6.98 10.43 21.27
CA VAL A 630 -6.23 11.64 21.61
C VAL A 630 -6.72 12.85 20.77
ZN ZN B . -1.31 -4.07 -2.65
YB YB C . -21.13 22.81 -29.87
C1 GOL D . 13.18 20.54 6.37
O1 GOL D . 12.85 20.44 7.73
C2 GOL D . 14.15 19.45 6.25
O2 GOL D . 15.24 19.56 7.21
C3 GOL D . 13.10 18.35 6.53
O3 GOL D . 12.90 17.65 5.29
C1 GOL E . 1.05 -6.54 0.80
O1 GOL E . 1.44 -7.76 1.44
C2 GOL E . 1.60 -5.48 1.63
O2 GOL E . 2.16 -4.23 1.06
C3 GOL E . 0.21 -5.44 2.32
O3 GOL E . 0.28 -6.25 3.47
C1 GOL F . -3.58 -4.84 5.50
O1 GOL F . -3.87 -4.72 6.91
C2 GOL F . -3.11 -6.30 5.38
O2 GOL F . -2.85 -6.75 4.04
C3 GOL F . -1.85 -6.47 6.23
O3 GOL F . -0.96 -7.39 5.53
C ACT G . 1.31 -3.58 5.15
O ACT G . 1.80 -4.57 4.87
OXT ACT G . 1.95 -2.83 5.74
CH3 ACT G . -0.11 -3.14 4.85
C ACT H . -23.06 24.49 -28.83
O ACT H . -23.58 23.59 -29.55
OXT ACT H . -21.87 24.73 -28.70
CH3 ACT H . -24.00 25.49 -28.12
N1 IMD I . -4.08 -16.91 12.46
C2 IMD I . -3.17 -17.18 11.54
N3 IMD I . -2.85 -16.07 10.89
C4 IMD I . -3.50 -15.01 11.39
C5 IMD I . -4.29 -15.56 12.38
O1 SHH J . 0.57 -3.00 -2.58
O2 SHH J . -1.40 -3.19 -0.84
N1 SHH J . 0.59 -2.35 -1.34
C1 SHH J . -0.41 -2.46 -0.56
C2 SHH J . -0.33 -1.77 0.79
C3 SHH J . -1.30 -0.56 0.87
C4 SHH J . -0.93 0.66 0.11
C5 SHH J . -1.83 1.85 0.38
C6 SHH J . -3.31 1.63 0.03
C7 SHH J . -4.11 2.91 0.31
C8 SHH J . -5.53 2.71 -0.21
O3 SHH J . -5.75 2.67 -1.43
N2 SHH J . -6.44 2.61 0.77
C9 SHH J . -7.74 2.33 0.66
C10 SHH J . -8.48 2.24 -0.51
C11 SHH J . -9.80 1.88 -0.51
C12 SHH J . -10.51 1.58 0.60
C13 SHH J . -9.81 1.71 1.82
C14 SHH J . -8.47 2.14 1.82
#